data_4DDY
#
_entry.id   4DDY
#
_cell.length_a   45.014
_cell.length_b   107.105
_cell.length_c   47.509
_cell.angle_alpha   90.000
_cell.angle_beta   102.110
_cell.angle_gamma   90.000
#
_symmetry.space_group_name_H-M   'P 1 21 1'
#
loop_
_entity.id
_entity.type
_entity.pdbx_description
1 polymer Beta-lactamase
2 non-polymer N-[3-(1H-tetrazol-5-yl)phenyl]-3-(trifluoromethyl)benzamide
3 non-polymer 'DIMETHYL SULFOXIDE'
4 water water
#
_entity_poly.entity_id   1
_entity_poly.type   'polypeptide(L)'
_entity_poly.pdbx_seq_one_letter_code
;(PCA)TSAVQQKLAALEKSSGGRLGVALIDTADNTQVLYRGDERFPMCSTSKVMAAAAVLKQSETQKQLLNQPVEIKPAD
LVNYNPIAEKHVNGTMTLAELSAAALQYSDNTAMNKLIAQLGGPGGVTAFARAIGDETFRLDRTEPTLNTAIPGDPRDTT
TPRAMAQTLRQLTLGHALGETQRAQLVTWLKGNTTGAASIRAGLPTSWTAGDKTGSGDYGTTNDIAVIWPQGRAPLVLVT
YFTQPQQNAESRRDVLASAARIIAEGL
;
_entity_poly.pdbx_strand_id   A,B
#
loop_
_chem_comp.id
_chem_comp.type
_chem_comp.name
_chem_comp.formula
DMS non-polymer 'DIMETHYL SULFOXIDE' 'C2 H6 O S'
DN6 non-polymer N-[3-(1H-tetrazol-5-yl)phenyl]-3-(trifluoromethyl)benzamide 'C15 H10 F3 N5 O'
#
# COMPACT_ATOMS: atom_id res chain seq x y z
N ALA A 4 -1.47 -3.48 -1.77
CA ALA A 4 -2.04 -4.40 -2.83
C ALA A 4 -1.83 -3.86 -4.24
N VAL A 5 -2.09 -2.58 -4.39
CA VAL A 5 -1.85 -1.95 -5.68
C VAL A 5 -0.37 -1.94 -5.98
N GLN A 6 0.47 -1.68 -4.97
CA GLN A 6 1.93 -1.77 -5.17
C GLN A 6 2.39 -3.16 -5.63
N GLN A 7 1.75 -4.20 -5.12
CA GLN A 7 2.08 -5.56 -5.54
C GLN A 7 1.67 -5.82 -6.98
N LYS A 8 0.53 -5.28 -7.39
CA LYS A 8 0.14 -5.38 -8.78
C LYS A 8 1.10 -4.62 -9.69
N LEU A 9 1.46 -3.39 -9.32
CA LEU A 9 2.44 -2.64 -10.08
C LEU A 9 3.78 -3.35 -10.15
N ALA A 10 4.19 -3.97 -9.04
CA ALA A 10 5.39 -4.85 -9.06
C ALA A 10 5.31 -5.98 -10.08
N ALA A 11 4.16 -6.62 -10.17
CA ALA A 11 3.99 -7.72 -11.13
C ALA A 11 4.07 -7.23 -12.58
N LEU A 12 3.41 -6.11 -12.85
CA LEU A 12 3.49 -5.48 -14.14
C LEU A 12 4.93 -5.13 -14.46
N GLU A 13 5.64 -4.50 -13.51
CA GLU A 13 7.02 -4.10 -13.75
C GLU A 13 7.84 -5.36 -14.09
N LYS A 14 7.69 -6.40 -13.27
CA LYS A 14 8.48 -7.64 -13.50
C LYS A 14 8.24 -8.23 -14.90
N SER A 15 7.01 -8.24 -15.41
CA SER A 15 6.75 -8.75 -16.78
C SER A 15 7.07 -7.76 -17.88
N SER A 16 7.50 -6.56 -17.52
CA SER A 16 7.72 -5.52 -18.52
C SER A 16 9.16 -5.51 -19.02
N GLY A 17 10.06 -6.05 -18.21
CA GLY A 17 11.50 -6.04 -18.47
C GLY A 17 12.21 -4.76 -18.01
N GLY A 18 11.45 -3.72 -17.65
CA GLY A 18 11.98 -2.39 -17.34
C GLY A 18 11.81 -1.97 -15.89
N ARG A 19 11.93 -0.66 -15.68
CA ARG A 19 11.79 -0.04 -14.35
C ARG A 19 10.65 0.98 -14.42
N LEU A 20 9.65 0.82 -13.53
CA LEU A 20 8.38 1.57 -13.52
C LEU A 20 8.34 2.42 -12.27
N GLY A 21 7.96 3.67 -12.51
CA GLY A 21 7.70 4.59 -11.39
C GLY A 21 6.30 5.18 -11.50
N VAL A 22 5.58 5.16 -10.38
CA VAL A 22 4.20 5.61 -10.36
C VAL A 22 3.97 6.49 -9.14
N ALA A 23 3.28 7.59 -9.39
CA ALA A 23 2.72 8.41 -8.28
C ALA A 23 1.32 8.86 -8.62
N LEU A 24 0.41 8.48 -7.74
CA LEU A 24 -0.97 8.94 -7.77
C LEU A 24 -1.27 9.83 -6.57
N ILE A 25 -1.90 10.99 -6.81
CA ILE A 25 -2.51 11.73 -5.71
C ILE A 25 -4.00 11.75 -5.99
N ASP A 26 -4.78 11.29 -5.00
CA ASP A 26 -6.24 11.41 -5.07
C ASP A 26 -6.66 12.67 -4.32
N THR A 27 -7.12 13.70 -5.04
CA THR A 27 -7.41 14.96 -4.33
C THR A 27 -8.65 14.90 -3.48
N ALA A 28 -9.41 13.79 -3.57
CA ALA A 28 -10.59 13.65 -2.68
C ALA A 28 -10.11 13.59 -1.24
N ASP A 29 -8.93 13.05 -1.00
CA ASP A 29 -8.47 12.81 0.38
C ASP A 29 -6.97 13.10 0.59
N ASN A 30 -6.29 13.56 -0.46
CA ASN A 30 -4.82 13.82 -0.45
C ASN A 30 -3.95 12.60 -0.39
N THR A 31 -4.54 11.42 -0.40
CA THR A 31 -3.74 10.22 -0.28
C THR A 31 -2.94 9.90 -1.55
N GLN A 32 -1.81 9.28 -1.32
CA GLN A 32 -0.89 8.93 -2.42
C GLN A 32 -0.74 7.43 -2.64
N VAL A 33 -0.58 7.00 -3.88
CA VAL A 33 -0.08 5.67 -4.09
C VAL A 33 1.24 5.94 -4.77
N LEU A 34 2.30 5.23 -4.28
CA LEU A 34 3.62 5.45 -4.85
C LEU A 34 4.22 4.10 -5.19
N TYR A 35 4.90 4.04 -6.34
CA TYR A 35 5.67 2.85 -6.66
C TYR A 35 7.00 3.37 -7.19
N ARG A 36 8.11 3.09 -6.48
CA ARG A 36 9.42 3.71 -6.82
C ARG A 36 9.25 5.24 -6.84
N GLY A 37 8.43 5.72 -5.90
CA GLY A 37 8.04 7.12 -5.95
C GLY A 37 9.17 8.11 -5.66
N ASP A 38 10.24 7.63 -5.04
CA ASP A 38 11.38 8.47 -4.73
C ASP A 38 12.62 8.11 -5.53
N GLU A 39 12.47 7.30 -6.59
CA GLU A 39 13.59 7.01 -7.52
C GLU A 39 13.56 8.02 -8.65
N ARG A 40 14.74 8.37 -9.14
CA ARG A 40 14.83 9.25 -10.30
C ARG A 40 14.60 8.55 -11.63
N PHE A 41 13.89 9.25 -12.51
CA PHE A 41 13.61 8.83 -13.85
C PHE A 41 13.88 9.98 -14.80
N PRO A 42 14.32 9.68 -16.03
CA PRO A 42 14.40 10.76 -17.01
C PRO A 42 13.03 11.24 -17.37
N MET A 43 12.83 12.56 -17.31
CA MET A 43 11.52 13.12 -17.63
C MET A 43 11.11 13.13 -19.09
N CYS A 44 12.11 13.30 -19.96
CA CYS A 44 11.84 13.53 -21.37
C CYS A 44 10.80 14.65 -21.52
N SER A 45 9.88 14.53 -22.47
CA SER A 45 8.99 15.69 -22.78
C SER A 45 7.94 15.96 -21.72
N THR A 46 7.86 15.13 -20.67
CA THR A 46 7.01 15.53 -19.55
C THR A 46 7.54 16.84 -18.94
N SER A 47 8.81 17.15 -19.12
CA SER A 47 9.40 18.42 -18.65
C SER A 47 8.79 19.65 -19.36
N LYS A 48 8.14 19.43 -20.49
CA LYS A 48 7.53 20.54 -21.26
C LYS A 48 6.44 21.23 -20.43
N VAL A 49 5.80 20.49 -19.54
CA VAL A 49 4.79 21.12 -18.65
C VAL A 49 5.41 22.17 -17.74
N MET A 50 6.55 21.86 -17.13
CA MET A 50 7.25 22.83 -16.28
C MET A 50 7.67 24.08 -17.06
N ALA A 51 8.18 23.89 -18.28
CA ALA A 51 8.59 25.04 -19.09
C ALA A 51 7.41 25.88 -19.49
N ALA A 52 6.33 25.28 -19.96
CA ALA A 52 5.13 26.09 -20.28
C ALA A 52 4.57 26.78 -19.04
N ALA A 53 4.53 26.09 -17.92
CA ALA A 53 4.01 26.70 -16.69
C ALA A 53 4.85 27.89 -16.26
N ALA A 54 6.15 27.84 -16.44
CA ALA A 54 7.07 28.91 -16.07
C ALA A 54 6.79 30.14 -16.92
N VAL A 55 6.53 29.94 -18.20
CA VAL A 55 6.17 31.03 -19.10
C VAL A 55 4.79 31.58 -18.72
N LEU A 56 3.84 30.72 -18.35
CA LEU A 56 2.55 31.22 -17.85
C LEU A 56 2.79 32.06 -16.61
N LYS A 57 3.64 31.65 -15.70
CA LYS A 57 3.91 32.48 -14.49
C LYS A 57 4.50 33.85 -14.86
N GLN A 58 5.42 33.89 -15.81
CA GLN A 58 5.95 35.17 -16.31
C GLN A 58 4.82 36.06 -16.83
N SER A 59 3.82 35.46 -17.47
CA SER A 59 2.73 36.18 -18.12
C SER A 59 1.86 36.85 -17.07
N GLU A 60 1.95 36.44 -15.81
CA GLU A 60 1.13 37.10 -14.76
C GLU A 60 1.58 38.52 -14.53
N THR A 61 2.87 38.77 -14.77
CA THR A 61 3.36 40.14 -14.58
C THR A 61 3.60 40.86 -15.91
N GLN A 62 3.30 40.17 -17.02
CA GLN A 62 3.35 40.78 -18.35
C GLN A 62 2.19 40.30 -19.16
N LYS A 63 1.09 41.02 -19.05
CA LYS A 63 -0.18 40.58 -19.67
C LYS A 63 -0.15 40.35 -21.19
N GLN A 64 0.78 40.96 -21.91
CA GLN A 64 0.92 40.72 -23.35
C GLN A 64 1.98 39.65 -23.71
N LEU A 65 2.58 39.04 -22.71
CA LEU A 65 3.69 38.13 -22.98
C LEU A 65 3.30 37.01 -23.95
N LEU A 66 2.10 36.46 -23.78
CA LEU A 66 1.77 35.31 -24.61
C LEU A 66 1.56 35.70 -26.07
N ASN A 67 1.42 36.98 -26.36
CA ASN A 67 1.34 37.40 -27.77
C ASN A 67 2.67 37.96 -28.31
N GLN A 68 3.74 37.83 -27.51
CA GLN A 68 5.05 38.27 -27.93
C GLN A 68 5.61 37.31 -29.03
N PRO A 69 5.97 37.86 -30.22
CA PRO A 69 6.50 37.01 -31.30
C PRO A 69 7.92 36.55 -31.01
N VAL A 70 8.23 35.33 -31.42
CA VAL A 70 9.58 34.77 -31.30
C VAL A 70 9.97 34.32 -32.70
N GLU A 71 11.11 34.80 -33.18
CA GLU A 71 11.61 34.40 -34.50
C GLU A 71 11.97 32.93 -34.52
N ILE A 72 11.54 32.26 -35.57
CA ILE A 72 11.90 30.88 -35.83
C ILE A 72 12.82 30.87 -37.07
N LYS A 73 14.09 30.54 -36.86
CA LYS A 73 15.01 30.48 -38.01
CA LYS A 73 15.06 30.48 -37.97
C LYS A 73 15.32 29.05 -38.41
N PRO A 74 15.76 28.84 -39.67
CA PRO A 74 16.09 27.48 -40.17
C PRO A 74 17.01 26.72 -39.21
N ALA A 75 18.01 27.42 -38.67
CA ALA A 75 18.98 26.82 -37.77
C ALA A 75 18.38 26.41 -36.42
N ASP A 76 17.19 26.93 -36.08
CA ASP A 76 16.57 26.60 -34.81
C ASP A 76 15.93 25.21 -34.84
N LEU A 77 15.59 24.71 -36.03
CA LEU A 77 14.82 23.49 -36.05
C LEU A 77 15.67 22.36 -35.50
N VAL A 78 15.06 21.55 -34.64
CA VAL A 78 15.72 20.31 -34.18
C VAL A 78 15.13 19.06 -34.81
N ASN A 79 14.81 18.03 -34.03
CA ASN A 79 14.51 16.72 -34.55
C ASN A 79 13.03 16.38 -34.60
N TYR A 80 12.13 17.27 -34.14
CA TYR A 80 10.72 16.94 -34.15
C TYR A 80 10.00 18.27 -34.06
N ASN A 81 9.61 18.80 -35.21
CA ASN A 81 9.17 20.19 -35.28
C ASN A 81 7.89 20.32 -36.10
N PRO A 82 6.87 19.50 -35.78
CA PRO A 82 5.65 19.49 -36.60
C PRO A 82 4.94 20.83 -36.67
N ILE A 83 5.07 21.69 -35.65
CA ILE A 83 4.47 22.98 -35.78
C ILE A 83 5.51 24.03 -36.19
N ALA A 84 6.68 23.99 -35.54
CA ALA A 84 7.67 25.05 -35.79
C ALA A 84 8.14 25.15 -37.21
N GLU A 85 8.20 24.01 -37.90
CA GLU A 85 8.71 23.98 -39.30
C GLU A 85 7.83 24.79 -40.22
N LYS A 86 6.56 24.99 -39.85
CA LYS A 86 5.64 25.76 -40.69
C LYS A 86 5.93 27.24 -40.63
N HIS A 87 6.70 27.65 -39.62
CA HIS A 87 6.92 29.06 -39.29
C HIS A 87 8.37 29.54 -39.43
N VAL A 88 9.20 28.69 -40.05
CA VAL A 88 10.59 29.03 -40.30
C VAL A 88 10.68 30.30 -41.14
N ASN A 89 11.60 31.19 -40.77
CA ASN A 89 11.67 32.55 -41.34
C ASN A 89 10.49 33.48 -41.03
N GLY A 90 9.66 33.07 -40.07
CA GLY A 90 8.56 33.85 -39.56
C GLY A 90 8.61 33.85 -38.05
N THR A 91 7.46 34.08 -37.42
CA THR A 91 7.38 34.15 -35.95
C THR A 91 6.31 33.24 -35.38
N MET A 92 6.48 32.79 -34.14
CA MET A 92 5.36 32.28 -33.32
C MET A 92 5.28 33.04 -32.03
N THR A 93 4.07 33.16 -31.48
CA THR A 93 3.95 33.82 -30.18
C THR A 93 4.27 32.81 -29.09
N LEU A 94 4.53 33.28 -27.89
CA LEU A 94 4.78 32.34 -26.77
C LEU A 94 3.56 31.45 -26.46
N ALA A 95 2.34 31.94 -26.71
CA ALA A 95 1.18 31.07 -26.60
C ALA A 95 1.24 29.96 -27.64
N GLU A 96 1.54 30.34 -28.88
CA GLU A 96 1.67 29.30 -29.94
C GLU A 96 2.75 28.26 -29.63
N LEU A 97 3.88 28.70 -29.09
CA LEU A 97 4.97 27.79 -28.78
C LEU A 97 4.58 26.89 -27.61
N SER A 98 3.83 27.45 -26.64
CA SER A 98 3.41 26.68 -25.49
C SER A 98 2.45 25.59 -25.96
N ALA A 99 1.47 25.95 -26.78
CA ALA A 99 0.49 24.98 -27.32
C ALA A 99 1.21 23.91 -28.16
N ALA A 100 2.16 24.35 -29.00
CA ALA A 100 2.89 23.40 -29.84
C ALA A 100 3.68 22.43 -28.97
N ALA A 101 4.34 22.96 -27.95
CA ALA A 101 5.14 22.08 -27.08
C ALA A 101 4.28 21.08 -26.33
N LEU A 102 3.20 21.58 -25.74
CA LEU A 102 2.39 20.72 -24.90
C LEU A 102 1.52 19.76 -25.70
N GLN A 103 0.90 20.24 -26.77
CA GLN A 103 -0.15 19.47 -27.45
C GLN A 103 0.40 18.62 -28.60
N TYR A 104 1.49 19.09 -29.19
CA TYR A 104 2.14 18.34 -30.30
C TYR A 104 3.52 17.82 -29.93
N SER A 105 4.05 18.22 -28.77
CA SER A 105 5.36 17.80 -28.29
C SER A 105 6.47 18.29 -29.20
N ASP A 106 6.29 19.46 -29.79
CA ASP A 106 7.26 20.07 -30.66
C ASP A 106 8.52 20.47 -29.91
N ASN A 107 9.68 19.96 -30.31
CA ASN A 107 10.92 20.17 -29.60
C ASN A 107 11.55 21.52 -29.89
N THR A 108 11.36 22.05 -31.09
CA THR A 108 11.76 23.43 -31.37
C THR A 108 10.99 24.38 -30.45
N ALA A 109 9.70 24.13 -30.32
CA ALA A 109 8.86 25.00 -29.47
C ALA A 109 9.37 24.94 -28.03
N MET A 110 9.65 23.74 -27.50
CA MET A 110 10.24 23.63 -26.18
C MET A 110 11.51 24.46 -26.06
N ASN A 111 12.40 24.39 -27.07
CA ASN A 111 13.62 25.18 -26.97
C ASN A 111 13.38 26.70 -26.82
N LYS A 112 12.36 27.19 -27.51
CA LYS A 112 12.00 28.62 -27.39
C LYS A 112 11.47 28.93 -25.99
N LEU A 113 10.70 28.00 -25.41
CA LEU A 113 10.31 28.15 -24.01
C LEU A 113 11.52 28.19 -23.09
N ILE A 114 12.45 27.24 -23.26
CA ILE A 114 13.61 27.22 -22.39
C ILE A 114 14.38 28.55 -22.53
N ALA A 115 14.55 29.00 -23.76
CA ALA A 115 15.32 30.24 -23.99
C ALA A 115 14.65 31.45 -23.35
N GLN A 116 13.33 31.49 -23.40
CA GLN A 116 12.56 32.58 -22.77
C GLN A 116 12.77 32.61 -21.24
N LEU A 117 13.09 31.45 -20.66
CA LEU A 117 13.37 31.33 -19.21
C LEU A 117 14.85 31.47 -18.87
N GLY A 118 15.66 31.73 -19.88
CA GLY A 118 17.11 31.88 -19.68
C GLY A 118 17.90 30.59 -19.65
N GLY A 119 17.36 29.50 -20.19
CA GLY A 119 18.09 28.23 -20.24
C GLY A 119 17.47 27.22 -19.30
N PRO A 120 17.97 25.99 -19.32
CA PRO A 120 17.36 24.92 -18.54
C PRO A 120 17.37 25.21 -17.05
N GLY A 121 18.43 25.89 -16.58
CA GLY A 121 18.44 26.39 -15.20
C GLY A 121 17.31 27.33 -14.77
N GLY A 122 16.76 28.10 -15.71
CA GLY A 122 15.62 28.95 -15.39
C GLY A 122 14.37 28.14 -15.13
N VAL A 123 14.24 27.03 -15.86
CA VAL A 123 13.10 26.16 -15.67
C VAL A 123 13.23 25.48 -14.29
N THR A 124 14.43 25.03 -13.96
CA THR A 124 14.70 24.49 -12.62
C THR A 124 14.38 25.51 -11.51
N ALA A 125 14.81 26.77 -11.71
CA ALA A 125 14.52 27.84 -10.76
C ALA A 125 13.04 27.97 -10.54
N PHE A 126 12.23 27.89 -11.60
CA PHE A 126 10.78 28.01 -11.42
C PHE A 126 10.27 26.83 -10.59
N ALA A 127 10.75 25.63 -10.90
CA ALA A 127 10.35 24.46 -10.11
C ALA A 127 10.66 24.66 -8.62
N ARG A 128 11.85 25.15 -8.31
CA ARG A 128 12.20 25.39 -6.92
C ARG A 128 11.27 26.43 -6.30
N ALA A 129 10.93 27.49 -7.04
CA ALA A 129 10.06 28.53 -6.53
C ALA A 129 8.68 27.99 -6.15
N ILE A 130 8.19 27.00 -6.85
CA ILE A 130 6.91 26.41 -6.54
C ILE A 130 6.99 25.21 -5.61
N GLY A 131 8.12 25.04 -4.93
CA GLY A 131 8.30 24.00 -3.93
C GLY A 131 8.79 22.64 -4.37
N ASP A 132 9.26 22.53 -5.62
CA ASP A 132 9.75 21.26 -6.13
C ASP A 132 11.28 21.29 -6.02
N GLU A 133 11.80 20.57 -5.02
CA GLU A 133 13.22 20.53 -4.77
CA GLU A 133 13.22 20.55 -4.76
C GLU A 133 13.92 19.44 -5.54
N THR A 134 13.17 18.73 -6.39
CA THR A 134 13.63 17.47 -6.98
C THR A 134 13.89 17.61 -8.48
N PHE A 135 12.96 18.22 -9.19
CA PHE A 135 13.05 18.40 -10.64
C PHE A 135 14.38 19.05 -10.96
N ARG A 136 15.06 18.56 -12.01
CA ARG A 136 16.15 19.36 -12.55
C ARG A 136 16.12 19.25 -14.07
N LEU A 137 16.18 20.39 -14.76
CA LEU A 137 16.40 20.44 -16.21
C LEU A 137 17.83 20.96 -16.45
N ASP A 138 18.58 20.17 -17.21
CA ASP A 138 20.03 20.39 -17.40
C ASP A 138 20.38 20.76 -18.82
N ARG A 139 19.55 20.34 -19.75
CA ARG A 139 19.87 20.42 -21.18
C ARG A 139 18.67 20.85 -21.99
N THR A 140 18.95 21.27 -23.22
CA THR A 140 17.92 21.66 -24.19
C THR A 140 17.43 20.45 -24.99
N GLU A 141 16.47 20.66 -25.88
CA GLU A 141 16.11 19.62 -26.86
C GLU A 141 17.14 19.56 -28.02
N PRO A 142 17.46 18.34 -28.52
CA PRO A 142 16.85 17.08 -28.16
C PRO A 142 17.62 16.30 -27.08
N THR A 143 18.78 16.79 -26.64
CA THR A 143 19.62 15.90 -25.84
C THR A 143 19.09 15.63 -24.43
N LEU A 144 18.12 16.44 -23.95
CA LEU A 144 17.58 16.13 -22.65
C LEU A 144 16.87 14.77 -22.59
N ASN A 145 16.66 14.14 -23.75
CA ASN A 145 16.02 12.81 -23.81
C ASN A 145 17.01 11.61 -23.92
N THR A 146 18.28 11.84 -23.61
CA THR A 146 19.23 10.69 -23.71
C THR A 146 18.86 9.57 -22.74
N ALA A 147 18.31 9.91 -21.57
CA ALA A 147 17.71 8.94 -20.64
C ALA A 147 18.65 7.79 -20.26
N ILE A 148 19.91 8.13 -20.02
CA ILE A 148 20.93 7.09 -19.71
C ILE A 148 20.75 6.61 -18.27
N PRO A 149 20.71 5.30 -18.03
CA PRO A 149 20.53 4.87 -16.65
C PRO A 149 21.61 5.45 -15.76
N GLY A 150 21.17 5.95 -14.61
CA GLY A 150 22.09 6.46 -13.59
C GLY A 150 22.38 7.95 -13.74
N ASP A 151 22.10 8.49 -14.92
CA ASP A 151 22.39 9.90 -15.19
C ASP A 151 21.38 10.79 -14.44
N PRO A 152 21.83 11.74 -13.58
CA PRO A 152 20.93 12.60 -12.80
C PRO A 152 20.31 13.70 -13.66
N ARG A 153 20.88 13.97 -14.82
CA ARG A 153 20.44 15.10 -15.66
C ARG A 153 19.03 14.90 -16.15
N ASP A 154 18.23 15.98 -16.07
CA ASP A 154 16.90 15.97 -16.69
C ASP A 154 16.00 14.88 -16.10
N THR A 155 16.12 14.69 -14.79
CA THR A 155 15.30 13.75 -14.06
C THR A 155 14.41 14.42 -13.00
N THR A 156 13.42 13.65 -12.55
CA THR A 156 12.73 13.94 -11.31
C THR A 156 12.24 12.61 -10.73
N THR A 157 11.49 12.67 -9.63
CA THR A 157 10.91 11.43 -9.08
C THR A 157 9.40 11.47 -9.35
N PRO A 158 8.74 10.32 -9.34
CA PRO A 158 7.29 10.36 -9.57
C PRO A 158 6.58 11.16 -8.49
N ARG A 159 7.01 11.02 -7.24
CA ARG A 159 6.37 11.75 -6.16
C ARG A 159 6.45 13.25 -6.40
N ALA A 160 7.64 13.73 -6.70
CA ALA A 160 7.79 15.16 -6.89
C ALA A 160 7.00 15.67 -8.07
N MET A 161 6.94 14.95 -9.16
CA MET A 161 6.25 15.43 -10.33
C MET A 161 4.74 15.43 -10.12
N ALA A 162 4.23 14.45 -9.38
CA ALA A 162 2.79 14.46 -9.08
C ALA A 162 2.41 15.67 -8.22
N GLN A 163 3.21 15.93 -7.20
N GLN A 163 3.22 15.94 -7.20
CA GLN A 163 2.89 17.04 -6.32
CA GLN A 163 2.95 17.04 -6.27
C GLN A 163 2.90 18.33 -7.14
C GLN A 163 3.00 18.37 -7.02
N THR A 164 3.94 18.52 -7.94
CA THR A 164 4.03 19.69 -8.79
C THR A 164 2.89 19.82 -9.76
N LEU A 165 2.55 18.74 -10.45
CA LEU A 165 1.43 18.80 -11.37
C LEU A 165 0.13 19.20 -10.65
N ARG A 166 -0.07 18.68 -9.46
CA ARG A 166 -1.23 19.08 -8.65
C ARG A 166 -1.20 20.57 -8.36
N GLN A 167 -0.07 21.09 -7.89
CA GLN A 167 0.00 22.52 -7.57
C GLN A 167 -0.27 23.37 -8.83
N LEU A 168 0.28 22.97 -9.98
CA LEU A 168 0.10 23.74 -11.21
C LEU A 168 -1.31 23.71 -11.78
N THR A 169 -1.98 22.56 -11.74
CA THR A 169 -3.24 22.41 -12.46
C THR A 169 -4.47 22.58 -11.55
N LEU A 170 -4.29 22.34 -10.25
CA LEU A 170 -5.41 22.31 -9.31
C LEU A 170 -5.20 23.23 -8.13
N GLY A 171 -3.95 23.58 -7.83
CA GLY A 171 -3.67 24.46 -6.70
C GLY A 171 -3.39 25.86 -7.19
N HIS A 172 -2.56 26.58 -6.43
CA HIS A 172 -2.37 28.03 -6.63
C HIS A 172 -0.94 28.41 -7.02
N ALA A 173 -0.21 27.49 -7.64
CA ALA A 173 1.13 27.83 -8.14
C ALA A 173 1.05 28.89 -9.24
N LEU A 174 -0.04 28.86 -9.99
CA LEU A 174 -0.31 29.85 -11.04
C LEU A 174 -1.56 30.66 -10.68
N GLY A 175 -1.70 31.84 -11.30
CA GLY A 175 -2.96 32.63 -11.13
C GLY A 175 -4.09 31.83 -11.78
N GLU A 176 -5.33 32.13 -11.50
CA GLU A 176 -6.47 31.37 -11.97
C GLU A 176 -6.56 31.26 -13.50
N THR A 177 -6.39 32.37 -14.20
N THR A 177 -6.38 32.35 -14.23
CA THR A 177 -6.44 32.39 -15.65
CA THR A 177 -6.53 32.27 -15.69
C THR A 177 -5.40 31.41 -16.17
C THR A 177 -5.35 31.53 -16.32
N GLN A 178 -4.20 31.57 -15.65
CA GLN A 178 -3.05 30.78 -16.11
C GLN A 178 -3.25 29.28 -15.85
N ARG A 179 -3.77 28.95 -14.68
CA ARG A 179 -4.11 27.57 -14.32
C ARG A 179 -5.10 27.02 -15.33
N ALA A 180 -6.17 27.76 -15.63
CA ALA A 180 -7.15 27.30 -16.62
C ALA A 180 -6.53 27.13 -17.99
N GLN A 181 -5.62 28.03 -18.38
CA GLN A 181 -4.97 27.91 -19.68
C GLN A 181 -4.15 26.63 -19.73
N LEU A 182 -3.42 26.33 -18.66
CA LEU A 182 -2.59 25.13 -18.64
C LEU A 182 -3.46 23.90 -18.73
N VAL A 183 -4.57 23.86 -18.00
CA VAL A 183 -5.46 22.70 -18.04
C VAL A 183 -6.10 22.57 -19.42
N THR A 184 -6.54 23.68 -19.99
CA THR A 184 -7.07 23.67 -21.35
C THR A 184 -6.04 23.05 -22.32
N TRP A 185 -4.79 23.47 -22.22
CA TRP A 185 -3.77 22.94 -23.12
C TRP A 185 -3.60 21.46 -22.90
N LEU A 186 -3.49 21.01 -21.66
CA LEU A 186 -3.29 19.57 -21.42
C LEU A 186 -4.47 18.75 -21.91
N LYS A 187 -5.68 19.27 -21.73
CA LYS A 187 -6.88 18.54 -22.14
C LYS A 187 -6.98 18.45 -23.65
N GLY A 188 -6.29 19.36 -24.35
CA GLY A 188 -6.23 19.32 -25.81
C GLY A 188 -5.00 18.58 -26.36
N ASN A 189 -4.24 17.92 -25.50
CA ASN A 189 -3.13 17.09 -26.02
C ASN A 189 -3.56 16.13 -27.12
N THR A 190 -2.73 16.08 -28.18
CA THR A 190 -2.96 15.11 -29.27
C THR A 190 -2.22 13.76 -29.13
N THR A 191 -1.33 13.65 -28.17
CA THR A 191 -0.38 12.51 -28.21
C THR A 191 -0.66 11.44 -27.16
N GLY A 192 -1.74 11.49 -26.41
CA GLY A 192 -1.87 10.72 -25.19
C GLY A 192 -2.84 9.55 -25.13
N ALA A 193 -3.53 9.24 -26.23
CA ALA A 193 -4.60 8.23 -26.15
C ALA A 193 -4.13 6.79 -25.91
N ALA A 194 -2.85 6.52 -26.14
CA ALA A 194 -2.28 5.15 -25.95
C ALA A 194 -1.60 4.95 -24.61
N SER A 195 -1.54 6.03 -23.82
CA SER A 195 -0.71 6.01 -22.60
C SER A 195 -1.61 5.91 -21.36
N ILE A 196 -1.50 6.82 -20.37
CA ILE A 196 -2.32 6.67 -19.16
C ILE A 196 -3.80 6.56 -19.51
N ARG A 197 -4.24 7.40 -20.44
CA ARG A 197 -5.66 7.48 -20.69
C ARG A 197 -6.24 6.22 -21.33
N ALA A 198 -5.37 5.38 -21.89
CA ALA A 198 -5.77 4.07 -22.50
C ALA A 198 -6.19 3.12 -21.39
N GLY A 199 -5.70 3.36 -20.17
CA GLY A 199 -5.97 2.48 -19.05
C GLY A 199 -7.15 2.95 -18.21
N LEU A 200 -7.75 4.08 -18.56
CA LEU A 200 -8.84 4.62 -17.76
C LEU A 200 -10.19 4.36 -18.40
N PRO A 201 -11.28 4.36 -17.59
CA PRO A 201 -12.62 4.32 -18.20
C PRO A 201 -12.79 5.52 -19.10
N THR A 202 -13.53 5.33 -20.19
CA THR A 202 -13.71 6.41 -21.15
C THR A 202 -14.36 7.68 -20.56
N SER A 203 -15.15 7.51 -19.52
CA SER A 203 -15.88 8.62 -18.91
C SER A 203 -14.97 9.53 -18.05
N TRP A 204 -13.73 9.10 -17.82
CA TRP A 204 -12.81 9.82 -16.93
C TRP A 204 -11.96 10.89 -17.63
N THR A 205 -12.57 12.05 -17.84
N THR A 205 -12.57 12.03 -17.94
CA THR A 205 -11.94 13.14 -18.55
CA THR A 205 -11.92 13.04 -18.77
C THR A 205 -10.50 13.38 -18.10
C THR A 205 -10.60 13.49 -18.15
N ALA A 206 -9.63 13.82 -19.01
CA ALA A 206 -8.26 14.04 -18.58
C ALA A 206 -7.47 14.89 -19.55
N GLY A 207 -6.38 15.42 -19.03
CA GLY A 207 -5.36 16.08 -19.83
C GLY A 207 -4.06 15.37 -19.50
N ASP A 208 -3.08 15.38 -20.42
CA ASP A 208 -1.83 14.69 -20.12
C ASP A 208 -0.71 15.27 -20.99
N LYS A 209 0.52 14.95 -20.59
CA LYS A 209 1.69 15.25 -21.39
C LYS A 209 2.59 13.99 -21.40
N THR A 210 2.86 13.46 -22.62
CA THR A 210 3.73 12.27 -22.84
C THR A 210 5.17 12.69 -22.95
N GLY A 211 6.02 11.67 -22.86
CA GLY A 211 7.45 11.81 -23.12
C GLY A 211 8.05 10.49 -23.51
N SER A 212 9.15 10.57 -24.26
CA SER A 212 9.89 9.33 -24.56
C SER A 212 11.30 9.70 -24.92
N GLY A 213 12.15 8.69 -24.94
CA GLY A 213 13.57 8.91 -25.24
C GLY A 213 14.30 7.59 -25.55
N ASP A 214 15.66 7.77 -25.40
CA ASP A 214 16.41 6.50 -25.54
C ASP A 214 16.14 5.58 -24.33
N TYR A 215 16.69 4.37 -24.36
CA TYR A 215 16.43 3.39 -23.32
C TYR A 215 14.96 3.00 -23.24
N GLY A 216 14.27 3.10 -24.37
CA GLY A 216 12.88 2.75 -24.40
C GLY A 216 12.06 3.53 -23.38
N THR A 217 12.52 4.74 -23.04
CA THR A 217 11.85 5.49 -21.97
C THR A 217 10.52 5.96 -22.50
N THR A 218 9.47 5.73 -21.68
CA THR A 218 8.10 5.95 -22.09
C THR A 218 7.37 6.47 -20.85
N ASN A 219 6.91 7.73 -20.97
CA ASN A 219 6.41 8.52 -19.83
C ASN A 219 5.07 9.17 -20.16
N ASP A 220 4.36 9.45 -19.08
CA ASP A 220 3.14 10.27 -19.16
C ASP A 220 2.78 10.87 -17.80
N ILE A 221 2.26 12.10 -17.81
CA ILE A 221 1.73 12.69 -16.57
C ILE A 221 0.38 13.23 -16.93
N ALA A 222 -0.58 13.06 -15.99
CA ALA A 222 -1.99 13.39 -16.28
C ALA A 222 -2.70 13.98 -15.07
N VAL A 223 -3.68 14.82 -15.38
CA VAL A 223 -4.67 15.26 -14.41
C VAL A 223 -6.01 14.68 -14.92
N ILE A 224 -6.74 14.04 -14.01
CA ILE A 224 -7.85 13.15 -14.39
C ILE A 224 -9.09 13.53 -13.59
N TRP A 225 -10.26 13.49 -14.22
CA TRP A 225 -11.52 13.80 -13.53
C TRP A 225 -12.39 12.55 -13.58
N PRO A 226 -12.27 11.67 -12.58
CA PRO A 226 -13.03 10.41 -12.66
C PRO A 226 -14.49 10.72 -12.54
N GLN A 227 -15.33 9.87 -13.22
CA GLN A 227 -16.75 10.20 -13.23
C GLN A 227 -17.26 10.26 -11.80
N GLY A 228 -17.78 11.43 -11.41
CA GLY A 228 -18.44 11.59 -10.12
C GLY A 228 -17.52 11.92 -8.94
N ARG A 229 -16.21 11.93 -9.19
CA ARG A 229 -15.19 12.08 -8.11
C ARG A 229 -14.25 13.28 -8.27
N ALA A 230 -13.61 13.68 -7.17
CA ALA A 230 -12.57 14.73 -7.19
C ALA A 230 -11.44 14.27 -8.11
N PRO A 231 -10.70 15.23 -8.67
CA PRO A 231 -9.66 14.85 -9.64
C PRO A 231 -8.51 14.06 -9.01
N LEU A 232 -7.75 13.40 -9.89
CA LEU A 232 -6.55 12.66 -9.57
C LEU A 232 -5.40 13.26 -10.35
N VAL A 233 -4.21 13.15 -9.78
CA VAL A 233 -3.01 13.40 -10.52
C VAL A 233 -2.24 12.09 -10.62
N LEU A 234 -1.74 11.77 -11.83
CA LEU A 234 -1.06 10.49 -12.00
C LEU A 234 0.19 10.67 -12.85
N VAL A 235 1.31 10.12 -12.37
CA VAL A 235 2.56 10.12 -13.09
C VAL A 235 2.94 8.66 -13.31
N THR A 236 3.24 8.32 -14.56
CA THR A 236 3.76 7.00 -14.85
C THR A 236 5.01 7.15 -15.70
N TYR A 237 6.13 6.73 -15.11
CA TYR A 237 7.46 6.77 -15.77
C TYR A 237 8.00 5.35 -15.98
N PHE A 238 8.62 5.09 -17.15
CA PHE A 238 9.11 3.74 -17.47
C PHE A 238 10.36 3.85 -18.29
N THR A 239 11.35 3.01 -17.94
CA THR A 239 12.63 3.06 -18.65
C THR A 239 13.24 1.66 -18.66
N GLN A 240 14.05 1.35 -19.67
CA GLN A 240 14.48 0.00 -19.92
C GLN A 240 16.01 -0.07 -19.99
N PRO A 241 16.60 -1.28 -19.92
CA PRO A 241 18.07 -1.39 -19.75
C PRO A 241 18.90 -1.17 -21.01
N GLN A 242 18.30 -1.35 -22.19
CA GLN A 242 19.03 -1.15 -23.44
C GLN A 242 18.70 0.11 -24.23
N GLN A 243 19.74 0.72 -24.79
CA GLN A 243 19.59 2.02 -25.44
C GLN A 243 18.53 2.06 -26.53
N ASN A 244 18.44 0.99 -27.32
CA ASN A 244 17.55 0.93 -28.45
CA ASN A 244 17.51 1.01 -28.44
C ASN A 244 16.23 0.22 -28.15
N ALA A 245 15.85 0.13 -26.87
CA ALA A 245 14.61 -0.57 -26.52
C ALA A 245 13.41 0.14 -27.14
N GLU A 246 12.33 -0.59 -27.42
CA GLU A 246 11.15 -0.02 -28.04
C GLU A 246 10.27 0.63 -26.97
N SER A 247 9.52 1.65 -27.36
CA SER A 247 8.56 2.29 -26.44
C SER A 247 7.51 1.31 -25.94
N ARG A 248 7.01 1.56 -24.72
CA ARG A 248 6.01 0.69 -24.11
C ARG A 248 4.87 1.50 -23.53
N ARG A 249 4.10 2.16 -24.40
CA ARG A 249 2.94 2.93 -23.92
C ARG A 249 1.92 2.02 -23.23
N ASP A 250 1.84 0.77 -23.68
CA ASP A 250 0.93 -0.19 -23.08
C ASP A 250 1.24 -0.44 -21.59
N VAL A 251 2.50 -0.34 -21.21
CA VAL A 251 2.83 -0.47 -19.78
C VAL A 251 2.24 0.67 -18.98
N LEU A 252 2.27 1.86 -19.55
CA LEU A 252 1.70 3.00 -18.86
C LEU A 252 0.19 2.81 -18.73
N ALA A 253 -0.44 2.35 -19.80
CA ALA A 253 -1.88 2.12 -19.76
C ALA A 253 -2.19 1.08 -18.69
N SER A 254 -1.39 0.01 -18.63
CA SER A 254 -1.59 -1.03 -17.64
C SER A 254 -1.47 -0.50 -16.20
N ALA A 255 -0.47 0.34 -15.98
CA ALA A 255 -0.31 0.99 -14.67
C ALA A 255 -1.54 1.83 -14.28
N ALA A 256 -2.01 2.61 -15.23
CA ALA A 256 -3.16 3.45 -14.99
C ALA A 256 -4.38 2.60 -14.67
N ARG A 257 -4.51 1.45 -15.37
CA ARG A 257 -5.68 0.62 -15.13
C ARG A 257 -5.65 0.02 -13.73
N ILE A 258 -4.48 -0.47 -13.31
CA ILE A 258 -4.31 -0.91 -11.94
C ILE A 258 -4.67 0.16 -10.92
N ILE A 259 -4.17 1.36 -11.13
CA ILE A 259 -4.49 2.48 -10.25
C ILE A 259 -6.02 2.73 -10.18
N ALA A 260 -6.65 2.76 -11.34
CA ALA A 260 -8.10 3.04 -11.42
C ALA A 260 -8.92 1.97 -10.71
N GLU A 261 -8.53 0.70 -10.85
CA GLU A 261 -9.25 -0.39 -10.22
C GLU A 261 -9.04 -0.41 -8.70
N GLY A 262 -7.99 0.26 -8.23
CA GLY A 262 -7.66 0.26 -6.82
C GLY A 262 -8.29 1.39 -5.99
N LEU A 263 -9.01 2.30 -6.67
CA LEU A 263 -9.61 3.46 -6.01
C LEU A 263 -10.86 3.08 -5.26
N SER B 3 -20.05 3.35 28.99
CA SER B 3 -20.42 2.87 30.36
C SER B 3 -19.32 3.09 31.42
N ALA B 4 -19.51 2.52 32.61
CA ALA B 4 -18.42 2.37 33.57
C ALA B 4 -17.24 1.62 32.90
N VAL B 5 -17.54 0.50 32.26
CA VAL B 5 -16.50 -0.32 31.60
C VAL B 5 -15.82 0.49 30.49
N GLN B 6 -16.62 1.25 29.78
CA GLN B 6 -16.11 2.04 28.67
C GLN B 6 -15.14 3.11 29.13
N GLN B 7 -15.51 3.89 30.15
CA GLN B 7 -14.59 4.85 30.69
C GLN B 7 -13.26 4.18 31.10
N LYS B 8 -13.37 3.05 31.79
CA LYS B 8 -12.16 2.35 32.28
C LYS B 8 -11.26 1.86 31.15
N LEU B 9 -11.86 1.35 30.08
CA LEU B 9 -11.07 0.87 28.95
C LEU B 9 -10.40 2.06 28.25
N ALA B 10 -11.12 3.16 28.08
CA ALA B 10 -10.54 4.34 27.44
C ALA B 10 -9.39 4.90 28.27
N ALA B 11 -9.57 4.88 29.59
CA ALA B 11 -8.54 5.38 30.50
C ALA B 11 -7.30 4.50 30.45
N LEU B 12 -7.52 3.19 30.42
CA LEU B 12 -6.42 2.26 30.34
C LEU B 12 -5.66 2.48 29.05
N GLU B 13 -6.39 2.62 27.94
CA GLU B 13 -5.76 2.92 26.69
C GLU B 13 -4.91 4.19 26.75
N LYS B 14 -5.49 5.27 27.27
CA LYS B 14 -4.72 6.52 27.32
C LYS B 14 -3.47 6.35 28.18
N SER B 15 -3.60 5.65 29.30
CA SER B 15 -2.45 5.48 30.20
C SER B 15 -1.38 4.70 29.45
N SER B 16 -1.82 3.74 28.65
CA SER B 16 -0.89 2.84 27.96
C SER B 16 -0.05 3.50 26.84
N GLY B 17 -0.61 4.54 26.25
CA GLY B 17 0.00 5.25 25.13
C GLY B 17 -0.26 4.62 23.77
N GLY B 18 -0.92 3.48 23.73
CA GLY B 18 -1.16 2.75 22.51
C GLY B 18 -2.60 2.73 22.01
N ARG B 19 -2.93 1.72 21.21
CA ARG B 19 -4.26 1.55 20.65
C ARG B 19 -4.73 0.16 21.10
N LEU B 20 -5.86 0.08 21.74
CA LEU B 20 -6.39 -1.09 22.41
C LEU B 20 -7.70 -1.49 21.75
N GLY B 21 -7.83 -2.80 21.44
CA GLY B 21 -9.06 -3.33 20.89
C GLY B 21 -9.59 -4.43 21.79
N VAL B 22 -10.85 -4.36 22.17
CA VAL B 22 -11.45 -5.36 23.03
C VAL B 22 -12.76 -5.86 22.48
N ALA B 23 -12.96 -7.18 22.49
CA ALA B 23 -14.30 -7.68 22.22
C ALA B 23 -14.59 -8.85 23.14
N LEU B 24 -15.66 -8.66 23.94
CA LEU B 24 -16.20 -9.68 24.82
C LEU B 24 -17.51 -10.18 24.24
N ILE B 25 -17.68 -11.50 24.24
CA ILE B 25 -19.03 -12.07 24.15
C ILE B 25 -19.27 -12.92 25.41
N ASP B 26 -20.35 -12.61 26.12
CA ASP B 26 -20.72 -13.39 27.28
C ASP B 26 -21.81 -14.32 26.79
N THR B 27 -21.52 -15.62 26.74
CA THR B 27 -22.49 -16.54 26.18
C THR B 27 -23.66 -16.82 27.12
N ALA B 28 -23.63 -16.29 28.34
CA ALA B 28 -24.82 -16.41 29.22
C ALA B 28 -26.05 -15.78 28.60
N ASP B 29 -25.86 -14.62 27.99
CA ASP B 29 -26.96 -13.80 27.50
C ASP B 29 -26.63 -13.14 26.16
N ASN B 30 -25.49 -13.52 25.59
CA ASN B 30 -25.03 -12.96 24.32
C ASN B 30 -24.79 -11.46 24.40
N THR B 31 -24.50 -10.96 25.60
CA THR B 31 -24.10 -9.58 25.72
C THR B 31 -22.62 -9.42 25.29
N GLN B 32 -22.29 -8.19 24.88
CA GLN B 32 -20.99 -7.86 24.34
C GLN B 32 -20.42 -6.62 24.92
N VAL B 33 -19.13 -6.53 25.04
CA VAL B 33 -18.40 -5.30 25.34
C VAL B 33 -17.37 -5.11 24.24
N LEU B 34 -17.51 -3.90 23.59
CA LEU B 34 -16.63 -3.63 22.45
C LEU B 34 -15.88 -2.34 22.70
N TYR B 35 -14.61 -2.30 22.34
CA TYR B 35 -13.78 -1.11 22.40
C TYR B 35 -12.88 -1.16 21.18
N ARG B 36 -13.06 -0.25 20.24
CA ARG B 36 -12.43 -0.32 18.91
C ARG B 36 -12.72 -1.68 18.28
N GLY B 37 -13.91 -2.18 18.51
CA GLY B 37 -14.24 -3.55 18.15
C GLY B 37 -14.30 -3.76 16.65
N ASP B 38 -14.42 -2.70 15.86
CA ASP B 38 -14.44 -2.78 14.38
C ASP B 38 -13.20 -2.23 13.69
N GLU B 39 -12.18 -1.91 14.46
CA GLU B 39 -10.91 -1.46 13.90
C GLU B 39 -10.06 -2.71 13.62
N ARG B 40 -9.30 -2.70 12.53
CA ARG B 40 -8.33 -3.77 12.27
C ARG B 40 -7.09 -3.62 13.14
N PHE B 41 -6.61 -4.78 13.58
CA PHE B 41 -5.38 -4.93 14.35
C PHE B 41 -4.56 -6.06 13.77
N PRO B 42 -3.23 -5.92 13.84
CA PRO B 42 -2.43 -7.07 13.42
C PRO B 42 -2.62 -8.26 14.38
N MET B 43 -3.00 -9.42 13.85
CA MET B 43 -3.27 -10.57 14.68
C MET B 43 -2.03 -11.20 15.31
N CYS B 44 -0.91 -11.11 14.61
CA CYS B 44 0.28 -11.84 14.99
C CYS B 44 -0.09 -13.31 15.28
N SER B 45 0.46 -13.88 16.34
CA SER B 45 0.31 -15.34 16.52
C SER B 45 -1.11 -15.75 16.98
N THR B 46 -2.00 -14.80 17.28
CA THR B 46 -3.38 -15.23 17.47
C THR B 46 -3.98 -15.85 16.19
N SER B 47 -3.32 -15.60 15.05
CA SER B 47 -3.79 -16.15 13.79
C SER B 47 -3.50 -17.67 13.75
N LYS B 48 -2.66 -18.15 14.67
CA LYS B 48 -2.33 -19.60 14.70
C LYS B 48 -3.61 -20.36 15.04
N VAL B 49 -4.57 -19.76 15.76
CA VAL B 49 -5.82 -20.46 16.01
C VAL B 49 -6.56 -20.79 14.74
N MET B 50 -6.65 -19.83 13.82
CA MET B 50 -7.40 -20.06 12.60
C MET B 50 -6.71 -21.17 11.77
N ALA B 51 -5.39 -21.13 11.70
CA ALA B 51 -4.70 -22.15 10.89
C ALA B 51 -4.87 -23.53 11.51
N ALA B 52 -4.76 -23.62 12.84
CA ALA B 52 -4.94 -24.93 13.50
C ALA B 52 -6.37 -25.43 13.30
N ALA B 53 -7.34 -24.54 13.43
CA ALA B 53 -8.74 -24.91 13.23
C ALA B 53 -9.03 -25.35 11.81
N ALA B 54 -8.42 -24.67 10.85
CA ALA B 54 -8.54 -25.12 9.44
C ALA B 54 -8.04 -26.55 9.17
N VAL B 55 -6.90 -26.89 9.77
CA VAL B 55 -6.37 -28.27 9.64
C VAL B 55 -7.32 -29.24 10.37
N LEU B 56 -7.86 -28.84 11.53
CA LEU B 56 -8.82 -29.72 12.17
C LEU B 56 -10.04 -29.91 11.26
N LYS B 57 -10.56 -28.83 10.66
CA LYS B 57 -11.65 -29.06 9.70
C LYS B 57 -11.28 -30.07 8.60
N GLN B 58 -10.09 -29.93 8.03
CA GLN B 58 -9.64 -30.88 7.02
C GLN B 58 -9.64 -32.30 7.56
N SER B 59 -9.23 -32.49 8.81
CA SER B 59 -9.16 -33.87 9.36
C SER B 59 -10.57 -34.46 9.52
N GLU B 60 -11.63 -33.64 9.36
CA GLU B 60 -12.99 -34.22 9.44
C GLU B 60 -13.28 -35.15 8.26
N THR B 61 -12.66 -34.89 7.10
CA THR B 61 -12.83 -35.76 5.92
C THR B 61 -11.59 -36.58 5.60
N GLN B 62 -10.40 -35.99 5.72
CA GLN B 62 -9.14 -36.74 5.68
C GLN B 62 -8.92 -37.21 7.13
N LYS B 63 -9.55 -38.35 7.45
CA LYS B 63 -9.68 -38.77 8.85
C LYS B 63 -8.36 -39.04 9.57
N GLN B 64 -7.32 -39.39 8.82
CA GLN B 64 -6.01 -39.67 9.44
C GLN B 64 -5.04 -38.52 9.32
N LEU B 65 -5.55 -37.35 8.93
CA LEU B 65 -4.65 -36.23 8.59
C LEU B 65 -3.75 -35.80 9.75
N LEU B 66 -4.27 -35.88 10.98
CA LEU B 66 -3.46 -35.36 12.09
C LEU B 66 -2.25 -36.26 12.36
N ASN B 67 -2.27 -37.48 11.79
CA ASN B 67 -1.16 -38.43 11.90
C ASN B 67 -0.15 -38.29 10.77
N GLN B 68 -0.41 -37.42 9.80
CA GLN B 68 0.47 -37.26 8.61
C GLN B 68 1.84 -36.74 9.06
N PRO B 69 2.95 -37.46 8.73
CA PRO B 69 4.26 -36.90 9.08
C PRO B 69 4.62 -35.81 8.08
N VAL B 70 5.31 -34.79 8.58
CA VAL B 70 5.73 -33.64 7.81
C VAL B 70 7.23 -33.43 8.01
N GLU B 71 7.98 -33.40 6.90
CA GLU B 71 9.44 -33.23 7.01
C GLU B 71 9.78 -31.85 7.60
N ILE B 72 10.70 -31.83 8.57
CA ILE B 72 11.19 -30.55 9.09
C ILE B 72 12.65 -30.46 8.59
N LYS B 73 12.91 -29.64 7.59
CA LYS B 73 14.26 -29.46 7.06
C LYS B 73 14.99 -28.30 7.75
N PRO B 74 16.32 -28.30 7.81
CA PRO B 74 17.00 -27.15 8.42
C PRO B 74 16.63 -25.80 7.79
N ALA B 75 16.37 -25.80 6.48
CA ALA B 75 15.99 -24.58 5.77
C ALA B 75 14.57 -24.12 6.13
N ASP B 76 13.77 -25.01 6.69
CA ASP B 76 12.43 -24.60 7.17
C ASP B 76 12.44 -23.82 8.46
N LEU B 77 13.51 -23.91 9.24
CA LEU B 77 13.49 -23.21 10.52
C LEU B 77 13.45 -21.69 10.35
N VAL B 78 12.57 -21.01 11.09
CA VAL B 78 12.48 -19.55 11.04
C VAL B 78 13.06 -18.97 12.32
N ASN B 79 12.38 -18.01 12.95
CA ASN B 79 12.95 -17.25 14.06
C ASN B 79 12.59 -17.70 15.47
N TYR B 80 11.62 -18.67 15.54
CA TYR B 80 11.21 -19.11 16.89
C TYR B 80 10.60 -20.50 16.71
N ASN B 81 11.46 -21.49 17.11
CA ASN B 81 11.20 -22.88 16.71
C ASN B 81 11.44 -23.80 17.90
N PRO B 82 10.87 -23.51 19.05
CA PRO B 82 11.15 -24.31 20.26
C PRO B 82 10.92 -25.81 20.18
N ILE B 83 9.90 -26.19 19.41
CA ILE B 83 9.58 -27.60 19.21
C ILE B 83 10.21 -28.09 17.90
N ALA B 84 10.00 -27.37 16.81
CA ALA B 84 10.47 -27.84 15.50
C ALA B 84 11.99 -28.04 15.44
N GLU B 85 12.78 -27.26 16.18
CA GLU B 85 14.24 -27.38 16.06
C GLU B 85 14.68 -28.74 16.61
N LYS B 86 13.88 -29.35 17.47
CA LYS B 86 14.28 -30.66 18.01
CA LYS B 86 14.18 -30.68 18.04
C LYS B 86 14.06 -31.79 17.00
N HIS B 87 13.32 -31.48 15.93
CA HIS B 87 12.90 -32.48 14.95
C HIS B 87 13.45 -32.22 13.57
N VAL B 88 14.39 -31.31 13.47
CA VAL B 88 15.00 -31.04 12.17
CA VAL B 88 15.08 -31.03 12.19
C VAL B 88 15.71 -32.29 11.65
N ASN B 89 15.67 -32.46 10.33
CA ASN B 89 16.15 -33.70 9.65
C ASN B 89 15.30 -34.89 10.08
N GLY B 90 14.07 -34.59 10.48
CA GLY B 90 13.12 -35.61 10.85
C GLY B 90 11.71 -35.16 10.50
N THR B 91 10.73 -35.69 11.21
CA THR B 91 9.34 -35.35 10.91
C THR B 91 8.59 -34.96 12.18
N MET B 92 7.49 -34.25 11.99
CA MET B 92 6.49 -34.06 13.03
C MET B 92 5.14 -34.37 12.41
N THR B 93 4.17 -34.88 13.18
CA THR B 93 2.82 -35.05 12.63
C THR B 93 2.05 -33.71 12.61
N LEU B 94 0.98 -33.65 11.81
CA LEU B 94 0.15 -32.41 11.88
C LEU B 94 -0.44 -32.19 13.25
N ALA B 95 -0.77 -33.22 14.02
CA ALA B 95 -1.19 -32.97 15.42
C ALA B 95 -0.08 -32.33 16.24
N GLU B 96 1.14 -32.86 16.13
CA GLU B 96 2.26 -32.26 16.87
C GLU B 96 2.54 -30.83 16.43
N LEU B 97 2.42 -30.54 15.14
CA LEU B 97 2.65 -29.20 14.63
C LEU B 97 1.55 -28.25 15.14
N SER B 98 0.32 -28.75 15.18
CA SER B 98 -0.81 -27.96 15.68
C SER B 98 -0.57 -27.60 17.16
N ALA B 99 -0.24 -28.60 17.97
CA ALA B 99 0.09 -28.33 19.37
C ALA B 99 1.30 -27.43 19.55
N ALA B 100 2.36 -27.63 18.76
CA ALA B 100 3.52 -26.76 18.87
C ALA B 100 3.10 -25.32 18.56
N ALA B 101 2.38 -25.14 17.46
CA ALA B 101 1.94 -23.78 17.07
C ALA B 101 1.06 -23.10 18.17
N LEU B 102 0.08 -23.84 18.67
CA LEU B 102 -0.87 -23.24 19.62
C LEU B 102 -0.27 -23.09 21.01
N GLN B 103 0.36 -24.14 21.51
CA GLN B 103 0.76 -24.16 22.93
C GLN B 103 2.15 -23.61 23.18
N TYR B 104 3.03 -23.67 22.17
CA TYR B 104 4.38 -23.13 22.32
C TYR B 104 4.62 -21.90 21.43
N SER B 105 3.67 -21.61 20.55
CA SER B 105 3.77 -20.47 19.62
C SER B 105 4.95 -20.63 18.65
N ASP B 106 5.22 -21.89 18.25
CA ASP B 106 6.32 -22.25 17.31
C ASP B 106 5.98 -21.74 15.89
N ASN B 107 6.86 -20.89 15.35
CA ASN B 107 6.65 -20.29 14.02
C ASN B 107 6.88 -21.23 12.85
N THR B 108 7.80 -22.16 13.02
CA THR B 108 7.98 -23.16 11.98
C THR B 108 6.75 -24.06 11.89
N ALA B 109 6.25 -24.46 13.05
CA ALA B 109 5.03 -25.23 13.09
C ALA B 109 3.88 -24.51 12.38
N MET B 110 3.64 -23.22 12.70
CA MET B 110 2.66 -22.45 11.96
C MET B 110 2.90 -22.50 10.44
N ASN B 111 4.15 -22.39 9.97
CA ASN B 111 4.37 -22.44 8.54
C ASN B 111 3.98 -23.77 7.92
N LYS B 112 4.14 -24.85 8.69
CA LYS B 112 3.70 -26.14 8.16
C LYS B 112 2.17 -26.25 8.09
N LEU B 113 1.48 -25.63 9.07
CA LEU B 113 0.00 -25.60 8.99
C LEU B 113 -0.48 -24.78 7.78
N ILE B 114 0.13 -23.60 7.61
CA ILE B 114 -0.14 -22.76 6.43
C ILE B 114 0.11 -23.54 5.12
N ALA B 115 1.24 -24.23 5.05
CA ALA B 115 1.53 -24.98 3.83
C ALA B 115 0.51 -26.08 3.56
N GLN B 116 0.10 -26.79 4.62
CA GLN B 116 -0.93 -27.80 4.49
C GLN B 116 -2.20 -27.22 3.88
N LEU B 117 -2.47 -25.95 4.17
CA LEU B 117 -3.67 -25.36 3.65
C LEU B 117 -3.51 -24.68 2.30
N GLY B 118 -2.32 -24.79 1.71
CA GLY B 118 -2.05 -24.26 0.38
C GLY B 118 -1.56 -22.82 0.38
N GLY B 119 -1.24 -22.30 1.57
CA GLY B 119 -0.71 -20.94 1.68
C GLY B 119 -1.62 -20.06 2.55
N PRO B 120 -1.20 -18.82 2.85
CA PRO B 120 -2.03 -17.97 3.75
C PRO B 120 -3.45 -17.83 3.21
N GLY B 121 -3.62 -17.82 1.89
CA GLY B 121 -4.93 -17.69 1.27
C GLY B 121 -5.88 -18.83 1.66
N GLY B 122 -5.32 -19.99 1.93
CA GLY B 122 -6.13 -21.13 2.37
C GLY B 122 -6.65 -20.94 3.77
N VAL B 123 -5.85 -20.29 4.62
CA VAL B 123 -6.33 -19.97 5.97
C VAL B 123 -7.49 -18.96 5.90
N THR B 124 -7.33 -17.91 5.08
CA THR B 124 -8.41 -16.99 4.78
C THR B 124 -9.65 -17.72 4.20
N ALA B 125 -9.44 -18.64 3.28
CA ALA B 125 -10.55 -19.37 2.67
C ALA B 125 -11.40 -20.12 3.72
N PHE B 126 -10.72 -20.73 4.68
CA PHE B 126 -11.38 -21.39 5.78
C PHE B 126 -12.19 -20.41 6.63
N ALA B 127 -11.59 -19.25 6.95
CA ALA B 127 -12.33 -18.21 7.68
C ALA B 127 -13.61 -17.88 6.93
N ARG B 128 -13.50 -17.67 5.62
CA ARG B 128 -14.69 -17.38 4.83
C ARG B 128 -15.74 -18.46 4.88
N ALA B 129 -15.28 -19.72 4.78
CA ALA B 129 -16.19 -20.84 4.75
C ALA B 129 -16.98 -20.99 6.06
N ILE B 130 -16.40 -20.53 7.18
CA ILE B 130 -17.16 -20.49 8.44
C ILE B 130 -17.82 -19.15 8.79
N GLY B 131 -17.89 -18.22 7.82
CA GLY B 131 -18.69 -17.01 8.03
C GLY B 131 -17.93 -15.79 8.47
N ASP B 132 -16.62 -15.86 8.52
CA ASP B 132 -15.78 -14.73 8.94
C ASP B 132 -15.31 -14.03 7.69
N GLU B 133 -15.90 -12.85 7.42
CA GLU B 133 -15.61 -12.10 6.21
C GLU B 133 -14.53 -11.07 6.43
N THR B 134 -13.99 -11.02 7.64
CA THR B 134 -13.12 -9.92 8.07
C THR B 134 -11.65 -10.38 8.11
N PHE B 135 -11.42 -11.54 8.73
CA PHE B 135 -10.08 -12.13 8.81
C PHE B 135 -9.33 -12.20 7.46
N ARG B 136 -8.06 -11.81 7.48
CA ARG B 136 -7.20 -12.09 6.33
C ARG B 136 -5.82 -12.49 6.81
N LEU B 137 -5.31 -13.61 6.26
CA LEU B 137 -3.90 -13.98 6.40
C LEU B 137 -3.25 -13.81 5.05
N ASP B 138 -2.14 -13.09 5.05
CA ASP B 138 -1.54 -12.67 3.79
C ASP B 138 -0.12 -13.20 3.66
N ARG B 139 0.53 -13.41 4.81
CA ARG B 139 1.96 -13.79 4.82
C ARG B 139 2.22 -15.00 5.72
N THR B 140 3.40 -15.56 5.55
CA THR B 140 3.88 -16.67 6.40
C THR B 140 4.63 -16.11 7.60
N GLU B 141 5.10 -16.98 8.49
CA GLU B 141 6.02 -16.59 9.53
C GLU B 141 7.42 -16.40 8.96
N PRO B 142 8.17 -15.40 9.44
CA PRO B 142 7.82 -14.51 10.54
C PRO B 142 7.24 -13.17 10.12
N THR B 143 7.15 -12.87 8.81
CA THR B 143 6.76 -11.50 8.40
C THR B 143 5.33 -11.12 8.69
N LEU B 144 4.46 -12.10 8.97
CA LEU B 144 3.07 -11.71 9.32
C LEU B 144 2.96 -10.88 10.60
N ASN B 145 4.06 -10.74 11.35
CA ASN B 145 4.08 -9.99 12.61
C ASN B 145 4.68 -8.58 12.51
N THR B 146 4.88 -8.07 11.28
CA THR B 146 5.47 -6.74 11.13
C THR B 146 4.63 -5.63 11.76
N ALA B 147 3.30 -5.80 11.76
CA ALA B 147 2.40 -4.89 12.48
C ALA B 147 2.58 -3.42 12.10
N ILE B 148 2.83 -3.15 10.82
CA ILE B 148 3.01 -1.78 10.37
C ILE B 148 1.72 -1.00 10.51
N PRO B 149 1.81 0.21 11.07
CA PRO B 149 0.58 0.98 11.26
C PRO B 149 -0.12 1.27 9.91
N GLY B 150 -1.43 1.00 9.83
CA GLY B 150 -2.18 1.24 8.58
C GLY B 150 -2.28 0.04 7.66
N ASP B 151 -1.41 -0.94 7.82
CA ASP B 151 -1.26 -2.09 6.89
C ASP B 151 -2.35 -3.10 7.19
N PRO B 152 -3.25 -3.36 6.21
CA PRO B 152 -4.35 -4.29 6.52
C PRO B 152 -3.93 -5.76 6.47
N ARG B 153 -2.71 -6.02 6.01
CA ARG B 153 -2.27 -7.42 5.89
C ARG B 153 -2.34 -8.10 7.24
N ASP B 154 -2.79 -9.36 7.27
CA ASP B 154 -2.72 -10.16 8.50
C ASP B 154 -3.42 -9.50 9.69
N THR B 155 -4.57 -8.93 9.38
CA THR B 155 -5.37 -8.28 10.41
C THR B 155 -6.75 -8.87 10.51
N THR B 156 -7.43 -8.52 11.60
CA THR B 156 -8.85 -8.75 11.74
C THR B 156 -9.32 -7.73 12.74
N THR B 157 -10.61 -7.73 12.99
CA THR B 157 -11.15 -6.87 14.04
C THR B 157 -11.41 -7.66 15.30
N PRO B 158 -11.41 -6.99 16.45
CA PRO B 158 -11.76 -7.76 17.66
C PRO B 158 -13.17 -8.38 17.57
N ARG B 159 -14.16 -7.61 17.06
CA ARG B 159 -15.51 -8.17 16.94
C ARG B 159 -15.53 -9.45 16.11
N ALA B 160 -14.85 -9.46 14.97
CA ALA B 160 -14.90 -10.63 14.11
C ALA B 160 -14.18 -11.79 14.78
N MET B 161 -13.05 -11.51 15.43
CA MET B 161 -12.26 -12.60 16.02
C MET B 161 -12.96 -13.22 17.20
N ALA B 162 -13.67 -12.38 17.98
CA ALA B 162 -14.42 -12.97 19.09
C ALA B 162 -15.53 -13.89 18.57
N GLN B 163 -16.24 -13.42 17.55
CA GLN B 163 -17.33 -14.20 16.99
C GLN B 163 -16.81 -15.54 16.44
N THR B 164 -15.71 -15.51 15.68
CA THR B 164 -15.13 -16.74 15.15
C THR B 164 -14.62 -17.63 16.26
N LEU B 165 -13.95 -17.06 17.26
CA LEU B 165 -13.48 -17.90 18.36
C LEU B 165 -14.65 -18.61 19.04
N ARG B 166 -15.74 -17.90 19.22
CA ARG B 166 -16.93 -18.56 19.78
C ARG B 166 -17.41 -19.71 18.90
N GLN B 167 -17.57 -19.46 17.61
CA GLN B 167 -17.95 -20.54 16.68
C GLN B 167 -17.03 -21.74 16.74
N LEU B 168 -15.74 -21.47 16.85
CA LEU B 168 -14.75 -22.57 16.80
C LEU B 168 -14.71 -23.38 18.10
N THR B 169 -14.87 -22.72 19.24
CA THR B 169 -14.66 -23.39 20.50
C THR B 169 -15.92 -23.79 21.24
N LEU B 170 -17.01 -23.07 20.97
CA LEU B 170 -18.26 -23.32 21.66
C LEU B 170 -19.42 -23.63 20.70
N GLY B 171 -19.23 -23.35 19.41
CA GLY B 171 -20.28 -23.50 18.42
C GLY B 171 -19.99 -24.64 17.49
N HIS B 172 -20.43 -24.52 16.25
CA HIS B 172 -20.44 -25.68 15.34
C HIS B 172 -19.65 -25.48 14.06
N ALA B 173 -18.63 -24.63 14.12
CA ALA B 173 -17.72 -24.50 12.98
C ALA B 173 -17.00 -25.80 12.69
N LEU B 174 -16.66 -26.50 13.77
CA LEU B 174 -15.94 -27.77 13.67
C LEU B 174 -16.86 -28.86 14.19
N GLY B 175 -16.55 -30.08 13.77
CA GLY B 175 -17.20 -31.27 14.35
C GLY B 175 -16.87 -31.39 15.84
N GLU B 176 -17.69 -32.16 16.58
CA GLU B 176 -17.56 -32.13 18.04
C GLU B 176 -16.16 -32.55 18.55
N THR B 177 -15.58 -33.60 17.96
CA THR B 177 -14.29 -34.08 18.42
C THR B 177 -13.23 -33.01 18.13
N GLN B 178 -13.37 -32.34 16.99
CA GLN B 178 -12.41 -31.32 16.58
C GLN B 178 -12.52 -30.05 17.45
N ARG B 179 -13.75 -29.65 17.78
CA ARG B 179 -13.99 -28.54 18.69
C ARG B 179 -13.28 -28.88 20.01
N ALA B 180 -13.53 -30.09 20.50
CA ALA B 180 -12.97 -30.44 21.80
C ALA B 180 -11.42 -30.46 21.72
N GLN B 181 -10.87 -30.97 20.64
CA GLN B 181 -9.45 -30.96 20.51
C GLN B 181 -8.88 -29.55 20.49
N LEU B 182 -9.56 -28.63 19.83
CA LEU B 182 -9.08 -27.26 19.80
C LEU B 182 -9.10 -26.71 21.23
N VAL B 183 -10.17 -27.00 21.97
CA VAL B 183 -10.28 -26.42 23.31
C VAL B 183 -9.21 -27.05 24.21
N THR B 184 -8.98 -28.36 24.04
CA THR B 184 -7.92 -29.03 24.80
C THR B 184 -6.53 -28.38 24.56
N TRP B 185 -6.21 -28.14 23.29
CA TRP B 185 -4.97 -27.46 22.99
C TRP B 185 -4.91 -26.06 23.64
N LEU B 186 -5.96 -25.23 23.48
CA LEU B 186 -5.93 -23.88 24.02
C LEU B 186 -5.78 -23.91 25.55
N LYS B 187 -6.47 -24.86 26.20
CA LYS B 187 -6.37 -24.99 27.65
C LYS B 187 -5.01 -25.38 28.16
N GLY B 188 -4.24 -25.97 27.26
CA GLY B 188 -2.86 -26.39 27.57
C GLY B 188 -1.79 -25.40 27.11
N ASN B 189 -2.21 -24.20 26.74
CA ASN B 189 -1.25 -23.16 26.36
C ASN B 189 -0.19 -22.93 27.45
N THR B 190 1.07 -22.76 27.08
CA THR B 190 2.14 -22.45 28.00
C THR B 190 2.40 -20.93 28.11
N THR B 191 1.85 -20.14 27.19
CA THR B 191 2.34 -18.75 27.06
C THR B 191 1.47 -17.69 27.66
N GLY B 192 0.37 -18.06 28.29
CA GLY B 192 -0.68 -17.09 28.55
C GLY B 192 -0.87 -16.51 29.95
N ALA B 193 -0.06 -16.92 30.93
CA ALA B 193 -0.37 -16.55 32.33
C ALA B 193 -0.20 -15.09 32.69
N ALA B 194 0.47 -14.33 31.82
CA ALA B 194 0.68 -12.90 32.06
C ALA B 194 -0.28 -12.04 31.27
N SER B 195 -1.15 -12.66 30.46
CA SER B 195 -2.00 -11.85 29.56
C SER B 195 -3.45 -11.80 30.05
N ILE B 196 -4.45 -12.13 29.25
CA ILE B 196 -5.85 -12.03 29.72
C ILE B 196 -6.01 -12.77 31.04
N ARG B 197 -5.43 -13.97 31.14
CA ARG B 197 -5.71 -14.76 32.31
C ARG B 197 -5.15 -14.19 33.61
N ALA B 198 -4.18 -13.27 33.49
CA ALA B 198 -3.65 -12.65 34.68
C ALA B 198 -4.68 -11.69 35.30
N GLY B 199 -5.64 -11.23 34.51
CA GLY B 199 -6.64 -10.28 35.01
C GLY B 199 -7.91 -10.95 35.46
N LEU B 200 -7.92 -12.30 35.50
CA LEU B 200 -9.11 -13.09 35.87
C LEU B 200 -8.86 -13.87 37.17
N PRO B 201 -9.88 -14.06 38.00
CA PRO B 201 -9.65 -15.01 39.12
C PRO B 201 -9.13 -16.40 38.60
N THR B 202 -8.27 -17.08 39.36
CA THR B 202 -7.68 -18.33 38.84
C THR B 202 -8.72 -19.43 38.70
N SER B 203 -9.84 -19.27 39.43
CA SER B 203 -10.95 -20.22 39.33
C SER B 203 -11.64 -20.17 37.95
N TRP B 204 -11.35 -19.14 37.18
CA TRP B 204 -12.01 -18.97 35.89
C TRP B 204 -11.19 -19.69 34.84
N THR B 205 -11.36 -21.01 34.83
CA THR B 205 -10.62 -21.91 33.92
C THR B 205 -10.68 -21.38 32.50
N ALA B 206 -9.57 -21.48 31.75
CA ALA B 206 -9.52 -20.84 30.44
C ALA B 206 -8.49 -21.43 29.53
N GLY B 207 -8.69 -21.15 28.25
CA GLY B 207 -7.64 -21.43 27.26
C GLY B 207 -7.40 -20.15 26.47
N ASP B 208 -6.21 -19.99 25.89
CA ASP B 208 -5.92 -18.77 25.17
C ASP B 208 -4.79 -18.95 24.17
N LYS B 209 -4.61 -17.99 23.28
CA LYS B 209 -3.50 -17.98 22.31
C LYS B 209 -2.99 -16.54 22.28
N THR B 210 -1.72 -16.38 22.65
CA THR B 210 -1.10 -15.04 22.65
C THR B 210 -0.56 -14.68 21.26
N GLY B 211 -0.21 -13.43 21.05
CA GLY B 211 0.52 -13.01 19.84
C GLY B 211 1.35 -11.78 20.16
N SER B 212 2.42 -11.55 19.43
CA SER B 212 3.14 -10.30 19.56
C SER B 212 3.93 -10.00 18.31
N GLY B 213 4.40 -8.78 18.15
CA GLY B 213 5.13 -8.42 16.96
C GLY B 213 5.88 -7.10 17.15
N ASP B 214 6.23 -6.51 16.04
CA ASP B 214 6.76 -5.13 16.09
C ASP B 214 5.69 -4.13 16.55
N TYR B 215 6.10 -2.88 16.76
CA TYR B 215 5.22 -1.83 17.31
C TYR B 215 4.66 -2.24 18.68
N GLY B 216 5.45 -3.05 19.42
CA GLY B 216 5.01 -3.46 20.74
C GLY B 216 3.65 -4.11 20.73
N THR B 217 3.34 -4.81 19.63
CA THR B 217 2.04 -5.38 19.49
C THR B 217 1.95 -6.53 20.49
N THR B 218 0.86 -6.54 21.27
CA THR B 218 0.72 -7.52 22.32
C THR B 218 -0.73 -7.95 22.34
N ASN B 219 -0.99 -9.23 22.02
CA ASN B 219 -2.32 -9.74 21.80
C ASN B 219 -2.63 -10.97 22.61
N ASP B 220 -3.92 -11.24 22.80
CA ASP B 220 -4.35 -12.50 23.38
C ASP B 220 -5.80 -12.75 23.03
N ILE B 221 -6.19 -13.98 22.77
CA ILE B 221 -7.61 -14.32 22.59
C ILE B 221 -7.92 -15.51 23.47
N ALA B 222 -9.08 -15.53 24.12
CA ALA B 222 -9.32 -16.53 25.15
C ALA B 222 -10.74 -17.02 25.15
N VAL B 223 -10.91 -18.28 25.55
CA VAL B 223 -12.22 -18.79 25.93
C VAL B 223 -12.18 -19.12 27.43
N ILE B 224 -13.20 -18.65 28.18
CA ILE B 224 -13.07 -18.60 29.62
C ILE B 224 -14.35 -19.15 30.25
N TRP B 225 -14.22 -19.95 31.30
CA TRP B 225 -15.40 -20.43 32.02
C TRP B 225 -15.36 -19.84 33.42
N PRO B 226 -16.08 -18.73 33.63
CA PRO B 226 -16.10 -18.15 34.98
C PRO B 226 -16.73 -19.17 35.94
N GLN B 227 -16.34 -19.26 37.15
CA GLN B 227 -16.79 -20.33 38.03
C GLN B 227 -18.32 -20.30 38.19
N GLY B 228 -19.01 -21.36 37.82
CA GLY B 228 -20.46 -21.41 38.02
C GLY B 228 -21.28 -20.81 36.88
N ARG B 229 -20.60 -20.27 35.87
CA ARG B 229 -21.30 -19.49 34.82
C ARG B 229 -21.00 -19.93 33.40
N ALA B 230 -21.86 -19.52 32.48
CA ALA B 230 -21.65 -19.76 31.04
C ALA B 230 -20.33 -19.16 30.55
N PRO B 231 -19.70 -19.78 29.51
CA PRO B 231 -18.39 -19.21 29.15
C PRO B 231 -18.41 -17.85 28.47
N LEU B 232 -17.24 -17.20 28.49
CA LEU B 232 -16.99 -15.95 27.78
C LEU B 232 -16.00 -16.21 26.66
N VAL B 233 -16.06 -15.36 25.65
CA VAL B 233 -14.97 -15.28 24.68
C VAL B 233 -14.43 -13.88 24.74
N LEU B 234 -13.12 -13.70 24.83
CA LEU B 234 -12.53 -12.38 24.99
C LEU B 234 -11.31 -12.19 24.10
N VAL B 235 -11.33 -11.14 23.29
CA VAL B 235 -10.21 -10.76 22.46
C VAL B 235 -9.64 -9.43 22.98
N THR B 236 -8.34 -9.36 23.22
CA THR B 236 -7.67 -8.12 23.62
C THR B 236 -6.48 -7.92 22.69
N TYR B 237 -6.52 -6.91 21.84
CA TYR B 237 -5.46 -6.62 20.90
C TYR B 237 -4.85 -5.27 21.29
N PHE B 238 -3.54 -5.13 21.17
CA PHE B 238 -2.89 -3.89 21.58
C PHE B 238 -1.69 -3.59 20.72
N THR B 239 -1.56 -2.38 20.20
CA THR B 239 -0.40 -2.02 19.41
C THR B 239 0.01 -0.57 19.71
N GLN B 240 1.24 -0.19 19.38
CA GLN B 240 1.82 1.05 19.92
C GLN B 240 2.45 1.88 18.81
N PRO B 241 2.80 3.15 19.11
CA PRO B 241 3.25 4.01 18.03
C PRO B 241 4.67 3.77 17.57
N GLN B 242 5.53 3.27 18.47
CA GLN B 242 6.97 3.08 18.13
C GLN B 242 7.31 1.68 17.65
N GLN B 243 8.04 1.58 16.54
CA GLN B 243 8.36 0.25 16.03
C GLN B 243 9.02 -0.69 17.05
N ASN B 244 9.91 -0.12 17.87
CA ASN B 244 10.69 -0.90 18.83
C ASN B 244 10.07 -0.87 20.23
N ALA B 245 8.78 -0.55 20.32
CA ALA B 245 8.10 -0.47 21.64
C ALA B 245 8.18 -1.81 22.38
N GLU B 246 8.16 -1.74 23.72
CA GLU B 246 8.22 -2.93 24.59
C GLU B 246 6.87 -3.64 24.59
N SER B 247 6.85 -4.94 24.87
CA SER B 247 5.60 -5.66 25.03
CA SER B 247 5.59 -5.64 25.04
C SER B 247 4.85 -5.14 26.27
N ARG B 248 3.54 -5.25 26.22
CA ARG B 248 2.67 -4.76 27.32
C ARG B 248 1.57 -5.78 27.68
N ARG B 249 1.97 -6.95 28.14
CA ARG B 249 0.99 -7.94 28.51
C ARG B 249 0.15 -7.48 29.67
N ASP B 250 0.72 -6.62 30.50
CA ASP B 250 -0.05 -6.04 31.62
C ASP B 250 -1.28 -5.26 31.16
N VAL B 251 -1.21 -4.64 30.00
CA VAL B 251 -2.36 -3.98 29.44
C VAL B 251 -3.49 -4.94 29.13
N LEU B 252 -3.15 -6.12 28.63
CA LEU B 252 -4.17 -7.10 28.31
C LEU B 252 -4.80 -7.64 29.61
N ALA B 253 -3.94 -7.86 30.62
CA ALA B 253 -4.44 -8.28 31.94
C ALA B 253 -5.35 -7.22 32.54
N SER B 254 -4.93 -5.96 32.44
CA SER B 254 -5.76 -4.90 33.01
C SER B 254 -7.10 -4.80 32.26
N ALA B 255 -7.09 -4.98 30.94
CA ALA B 255 -8.33 -4.93 30.20
C ALA B 255 -9.24 -6.09 30.63
N ALA B 256 -8.67 -7.30 30.77
CA ALA B 256 -9.48 -8.45 31.20
C ALA B 256 -10.07 -8.20 32.60
N ARG B 257 -9.26 -7.64 33.50
CA ARG B 257 -9.72 -7.39 34.86
C ARG B 257 -10.89 -6.41 34.86
N ILE B 258 -10.79 -5.37 34.03
CA ILE B 258 -11.88 -4.40 33.89
C ILE B 258 -13.15 -5.09 33.41
N ILE B 259 -13.01 -5.91 32.38
CA ILE B 259 -14.11 -6.73 31.90
C ILE B 259 -14.74 -7.62 32.99
N ALA B 260 -13.88 -8.34 33.72
CA ALA B 260 -14.35 -9.27 34.73
C ALA B 260 -15.10 -8.55 35.84
N GLU B 261 -14.58 -7.40 36.25
CA GLU B 261 -15.20 -6.67 37.34
C GLU B 261 -16.49 -5.99 36.89
N GLY B 262 -16.72 -5.93 35.58
CA GLY B 262 -17.95 -5.34 35.04
C GLY B 262 -19.09 -6.35 34.95
N LEU B 263 -18.76 -7.63 35.04
CA LEU B 263 -19.78 -8.68 35.00
C LEU B 263 -20.64 -8.76 36.25
F24 DN6 C . 18.57 12.47 -26.70
C7 DN6 C . 18.56 12.14 -28.02
F22 DN6 C . 19.51 11.30 -28.40
F23 DN6 C . 18.76 13.24 -28.74
C6 DN6 C . 17.21 11.54 -28.31
C1 DN6 C . 17.08 10.17 -28.40
C5 DN6 C . 16.07 12.34 -28.46
C4 DN6 C . 14.80 11.80 -28.73
C3 DN6 C . 14.71 10.39 -28.79
C2 DN6 C . 15.85 9.57 -28.66
C8 DN6 C . 13.59 12.71 -28.86
O21 DN6 C . 13.81 13.92 -29.05
N9 DN6 C . 12.34 12.18 -28.76
C10 DN6 C . 11.16 12.93 -28.80
C15 DN6 C . 11.05 14.11 -29.51
C14 DN6 C . 9.84 14.82 -29.45
C13 DN6 C . 8.77 14.31 -28.73
C12 DN6 C . 8.87 13.10 -28.07
C11 DN6 C . 10.08 12.43 -28.08
C16 DN6 C . 7.76 12.62 -27.36
N20 DN6 C . 7.72 11.46 -26.71
N19 DN6 C . 6.50 11.23 -26.09
N18 DN6 C . 5.77 12.40 -26.38
N17 DN6 C . 6.57 13.23 -27.12
F24 DN6 D . 4.04 12.23 -29.07
C7 DN6 D . 4.78 12.31 -30.18
F22 DN6 D . 5.23 13.54 -30.24
F23 DN6 D . 4.07 12.06 -31.26
C6 DN6 D . 5.92 11.35 -30.19
C1 DN6 D . 5.81 10.18 -29.45
C5 DN6 D . 7.07 11.62 -30.93
C4 DN6 D . 8.12 10.73 -30.93
C3 DN6 D . 8.00 9.57 -30.17
C2 DN6 D . 6.86 9.26 -29.46
C8 DN6 D . 9.33 11.09 -31.74
O21 DN6 D . 9.18 11.64 -32.82
N9 DN6 D . 10.50 10.79 -31.23
C10 DN6 D . 11.68 11.07 -31.91
C15 DN6 D . 11.85 12.18 -32.72
C14 DN6 D . 13.07 12.33 -33.37
C13 DN6 D . 14.11 11.43 -33.19
C12 DN6 D . 13.92 10.33 -32.39
C11 DN6 D . 12.69 10.14 -31.75
C16 DN6 D . 14.95 9.42 -32.23
N20 DN6 D . 14.94 8.28 -31.50
N19 DN6 D . 16.18 7.64 -31.56
N18 DN6 D . 16.94 8.45 -32.41
N17 DN6 D . 16.16 9.55 -32.78
F24 DN6 E . -2.40 23.10 -4.02
C7 DN6 E . -2.66 21.82 -4.17
F22 DN6 E . -3.69 21.68 -4.99
F23 DN6 E . -1.59 21.28 -4.72
C6 DN6 E . -3.02 21.19 -2.86
C1 DN6 E . -2.02 20.67 -2.03
C5 DN6 E . -4.36 21.14 -2.44
C4 DN6 E . -4.70 20.55 -1.23
C3 DN6 E . -3.69 20.00 -0.41
C2 DN6 E . -2.35 20.08 -0.80
C8 DN6 E . -6.16 20.46 -0.82
O21 DN6 E . -6.96 21.32 -1.17
N9 DN6 E . -6.52 19.37 -0.13
C10 DN6 E . -7.83 19.02 0.25
C15 DN6 E . -8.20 17.66 0.20
C14 DN6 E . -9.51 17.27 0.53
C13 DN6 E . -10.44 18.24 0.90
C12 DN6 E . -10.07 19.59 0.91
C11 DN6 E . -8.77 19.98 0.58
C16 DN6 E . -11.01 20.54 1.27
N20 DN6 E . -10.79 21.90 1.34
N19 DN6 E . -11.98 22.52 1.71
N18 DN6 E . -12.93 21.51 1.91
N17 DN6 E . -12.30 20.28 1.60
F24 DN6 F . -11.21 20.80 6.64
C7 DN6 F . -10.61 21.40 5.63
F22 DN6 F . -11.49 21.91 4.79
F23 DN6 F . -9.87 22.36 6.13
C6 DN6 F . -9.76 20.39 4.92
C1 DN6 F . -10.24 19.08 4.74
C5 DN6 F . -8.49 20.74 4.45
C4 DN6 F . -7.72 19.78 3.79
C3 DN6 F . -8.20 18.46 3.61
C2 DN6 F . -9.46 18.12 4.08
C8 DN6 F . -6.37 20.15 3.26
O21 DN6 F . -5.50 19.30 3.11
N9 DN6 F . -6.14 21.44 2.93
C10 DN6 F . -4.91 21.92 2.45
C15 DN6 F . -3.71 21.62 3.09
C14 DN6 F . -2.52 22.14 2.59
C13 DN6 F . -2.51 22.94 1.45
C12 DN6 F . -3.71 23.28 0.81
C11 DN6 F . -4.89 22.75 1.32
C16 DN6 F . -3.74 24.09 -0.33
N20 DN6 F . -2.67 24.66 -0.91
N19 DN6 F . -3.10 25.40 -2.02
N18 DN6 F . -4.50 25.29 -2.09
N17 DN6 F . -4.86 24.44 -1.02
S DMS G . 13.92 -3.81 -10.33
O DMS G . 13.29 -2.63 -11.55
C1 DMS G . 15.15 -4.87 -11.11
C2 DMS G . 14.96 -2.83 -9.23
S DMS H . 2.84 17.66 -0.70
O DMS H . 4.05 18.92 -0.27
C1 DMS H . 2.85 16.41 0.62
C2 DMS H . 1.19 18.39 -0.45
F24 DN6 I . 3.49 -31.31 20.29
C7 DN6 I . 3.87 -30.41 21.19
F22 DN6 I . 2.81 -29.96 21.87
F23 DN6 I . 4.41 -29.39 20.59
C6 DN6 I . 4.91 -31.00 22.10
C1 DN6 I . 4.73 -31.00 23.47
C5 DN6 I . 6.06 -31.54 21.52
C4 DN6 I . 7.05 -32.08 22.35
C3 DN6 I . 6.86 -32.08 23.75
C2 DN6 I . 5.70 -31.55 24.30
C8 DN6 I . 8.30 -32.68 21.77
O21 DN6 I . 8.35 -32.96 20.57
N9 DN6 I . 9.32 -32.93 22.59
C10 DN6 I . 10.52 -33.52 22.12
C15 DN6 I . 10.48 -34.66 21.29
C14 DN6 I . 11.66 -35.25 20.82
C13 DN6 I . 12.89 -34.72 21.20
C12 DN6 I . 12.94 -33.60 22.02
C11 DN6 I . 11.76 -33.00 22.49
C16 DN6 I . 14.17 -33.08 22.40
N20 DN6 I . 14.36 -32.01 23.20
N19 DN6 I . 15.75 -31.78 23.33
N18 DN6 I . 16.39 -32.78 22.57
N17 DN6 I . 15.38 -33.58 22.01
F24 DN6 J . 6.54 -17.46 24.46
C7 DN6 J . 5.95 -16.91 23.41
F22 DN6 J . 4.66 -16.78 23.57
F23 DN6 J . 6.18 -17.66 22.36
C6 DN6 J . 6.50 -15.56 23.17
C1 DN6 J . 6.00 -14.42 23.80
C5 DN6 J . 7.50 -15.49 22.24
C4 DN6 J . 8.06 -14.28 21.94
C3 DN6 J . 7.60 -13.13 22.54
C2 DN6 J . 6.54 -13.17 23.48
C8 DN6 J . 9.16 -14.29 20.94
O21 DN6 J . 9.94 -15.24 20.89
N9 DN6 J . 9.32 -13.29 20.12
C10 DN6 J . 10.30 -13.26 19.13
C15 DN6 J . 10.83 -14.43 18.60
C14 DN6 J . 11.74 -14.29 17.59
C13 DN6 J . 12.14 -13.05 17.10
C12 DN6 J . 11.58 -11.91 17.66
C11 DN6 J . 10.64 -12.02 18.65
C16 DN6 J . 11.91 -10.67 17.21
N20 DN6 J . 12.76 -10.41 16.23
N19 DN6 J . 12.82 -9.01 16.11
N18 DN6 J . 11.95 -8.47 17.05
N17 DN6 J . 11.40 -9.54 17.74
F24 DN6 K . 9.48 -10.70 11.23
C7 DN6 K . 8.95 -9.66 11.86
F22 DN6 K . 7.75 -9.57 11.32
F23 DN6 K . 9.63 -8.58 11.53
C6 DN6 K . 8.85 -9.89 13.35
C1 DN6 K . 9.13 -8.84 14.22
C5 DN6 K . 8.50 -11.15 13.87
C4 DN6 K . 8.40 -11.34 15.26
C3 DN6 K . 8.64 -10.27 16.15
C2 DN6 K . 9.02 -9.04 15.60
C8 DN6 K . 7.97 -12.69 15.77
O21 DN6 K . 7.99 -13.62 14.98
N9 DN6 K . 7.53 -12.76 17.06
C10 DN6 K . 7.01 -13.94 17.64
C15 DN6 K . 7.46 -15.19 17.20
C14 DN6 K . 6.85 -16.31 17.76
C13 DN6 K . 5.89 -16.22 18.77
C12 DN6 K . 5.47 -14.95 19.20
C11 DN6 K . 6.02 -13.82 18.62
C16 DN6 K . 4.47 -14.79 20.18
N20 DN6 K . 4.09 -13.63 20.72
N19 DN6 K . 3.10 -13.90 21.68
N18 DN6 K . 2.91 -15.26 21.70
N17 DN6 K . 3.78 -15.77 20.75
F24 DN6 L . 4.77 -45.26 11.99
C7 DN6 L . 4.66 -44.02 11.54
F22 DN6 L . 5.78 -43.35 11.82
F23 DN6 L . 3.61 -43.42 12.10
C6 DN6 L . 4.47 -44.09 10.05
C1 DN6 L . 5.18 -45.05 9.31
C5 DN6 L . 3.60 -43.20 9.40
C4 DN6 L . 3.43 -43.28 8.01
C3 DN6 L . 4.16 -44.24 7.29
C2 DN6 L . 5.01 -45.12 7.94
C8 DN6 L . 2.51 -42.31 7.33
O21 DN6 L . 2.92 -41.78 6.30
N9 DN6 L . 1.29 -42.07 7.84
C10 DN6 L . 0.39 -41.14 7.28
C15 DN6 L . -0.75 -40.80 8.02
C14 DN6 L . -1.66 -39.88 7.51
C13 DN6 L . -1.41 -39.28 6.28
C12 DN6 L . -0.27 -39.60 5.56
C11 DN6 L . 0.64 -40.54 6.06
C16 DN6 L . -0.01 -39.00 4.32
N20 DN6 L . 1.07 -39.27 3.55
N19 DN6 L . 0.98 -38.48 2.37
N18 DN6 L . -0.19 -37.74 2.48
N17 DN6 L . -0.78 -38.07 3.70
F24 DN6 M . -3.63 -49.18 3.80
C7 DN6 M . -3.20 -48.01 4.29
F22 DN6 M . -2.43 -47.42 3.42
F23 DN6 M . -2.42 -48.23 5.34
C6 DN6 M . -4.36 -47.10 4.66
C1 DN6 M . -4.17 -46.11 5.61
C5 DN6 M . -5.61 -47.22 4.03
C4 DN6 M . -6.64 -46.34 4.38
C3 DN6 M . -6.44 -45.37 5.36
C2 DN6 M . -5.20 -45.25 5.98
C8 DN6 M . -8.00 -46.49 3.75
O21 DN6 M . -8.10 -46.87 2.59
N9 DN6 M . -9.03 -46.21 4.54
C10 DN6 M . -10.39 -46.28 4.24
C15 DN6 M . -10.89 -45.87 3.01
C14 DN6 M . -12.25 -45.96 2.77
C13 DN6 M . -13.12 -46.43 3.76
C12 DN6 M . -12.63 -46.83 5.00
C11 DN6 M . -11.25 -46.76 5.24
C16 DN6 M . -13.51 -47.32 5.99
N20 DN6 M . -14.86 -47.45 5.84
N19 DN6 M . -15.39 -47.97 7.04
N18 DN6 M . -14.31 -48.14 7.91
N17 DN6 M . -13.15 -47.75 7.22
F24 DN6 N . -15.33 -42.04 9.27
C7 DN6 N . -15.24 -42.84 8.22
F22 DN6 N . -16.21 -43.69 8.39
F23 DN6 N . -15.45 -42.18 7.10
C6 DN6 N . -13.88 -43.49 8.24
C1 DN6 N . -13.65 -44.62 9.04
C5 DN6 N . -12.82 -42.97 7.49
C4 DN6 N . -11.55 -43.59 7.50
C3 DN6 N . -11.36 -44.71 8.31
C2 DN6 N . -12.40 -45.22 9.08
C8 DN6 N . -10.41 -43.01 6.68
O21 DN6 N . -9.23 -43.14 7.05
N9 DN6 N . -10.73 -42.38 5.54
C10 DN6 N . -9.81 -41.77 4.66
C15 DN6 N . -9.93 -41.96 3.27
C14 DN6 N . -9.04 -41.32 2.41
C13 DN6 N . -8.03 -40.48 2.89
C12 DN6 N . -7.91 -40.27 4.28
C11 DN6 N . -8.82 -40.89 5.15
C16 DN6 N . -6.89 -39.44 4.78
N20 DN6 N . -6.70 -39.19 6.09
N19 DN6 N . -5.61 -38.32 6.25
N18 DN6 N . -5.13 -38.04 4.97
N17 DN6 N . -5.97 -38.72 4.08
F24 DN6 O . -14.91 4.39 21.05
C7 DN6 O . -14.04 3.59 20.47
F22 DN6 O . -13.23 3.38 21.44
F23 DN6 O . -13.38 4.25 19.51
C6 DN6 O . -14.72 2.28 20.07
C1 DN6 O . -14.40 1.41 19.04
C5 DN6 O . -15.79 1.92 20.84
C4 DN6 O . -16.55 0.79 20.65
C3 DN6 O . -16.25 -0.13 19.62
C2 DN6 O . -15.16 0.23 18.83
C8 DN6 O . -17.66 0.78 21.67
O21 DN6 O . -17.39 1.33 22.73
N9 DN6 O . -18.88 0.27 21.40
C10 DN6 O . -19.88 0.33 22.38
C15 DN6 O . -20.20 1.58 22.94
C14 DN6 O . -21.20 1.68 23.90
C13 DN6 O . -21.89 0.53 24.31
C12 DN6 O . -21.57 -0.71 23.75
C11 DN6 O . -20.57 -0.81 22.78
C16 DN6 O . -22.26 -1.85 24.15
N20 DN6 O . -22.04 -3.11 23.68
N19 DN6 O . -22.93 -3.99 24.33
N18 DN6 O . -23.69 -3.21 25.22
N17 DN6 O . -23.26 -1.88 25.08
F24 DN6 P . -18.80 -11.98 37.55
C7 DN6 P . -19.84 -12.79 37.59
F22 DN6 P . -20.84 -12.13 38.15
F23 DN6 P . -20.17 -13.17 36.37
C6 DN6 P . -19.49 -13.98 38.43
C1 DN6 P . -18.74 -15.02 37.89
C5 DN6 P . -19.90 -14.02 39.77
C4 DN6 P . -19.57 -15.11 40.57
C3 DN6 P . -18.82 -16.16 40.02
C2 DN6 P . -18.41 -16.12 38.69
C8 DN6 P . -20.04 -15.14 42.02
O21 DN6 P . -20.38 -14.10 42.55
N9 DN6 P . -20.08 -16.30 42.68
C10 DN6 P . -20.54 -16.41 44.00
C15 DN6 P . -20.68 -15.32 44.87
C14 DN6 P . -21.16 -15.53 46.16
C13 DN6 P . -21.52 -16.81 46.59
C12 DN6 P . -21.37 -17.90 45.71
C11 DN6 P . -20.89 -17.67 44.43
C16 DN6 P . -21.69 -19.23 46.03
N20 DN6 P . -21.55 -20.26 45.14
N19 DN6 P . -21.95 -21.47 45.76
N18 DN6 P . -22.36 -21.11 47.06
N17 DN6 P . -22.18 -19.71 47.20
S DMS Q . -4.15 -19.17 34.84
O DMS Q . -3.27 -20.71 35.02
C1 DMS Q . -4.33 -18.30 36.43
C2 DMS Q . -3.03 -18.06 33.93
#